data_5ZG2
#
_entry.id   5ZG2
#
_cell.length_a   49.384
_cell.length_b   56.565
_cell.length_c   90.779
_cell.angle_alpha   90.00
_cell.angle_beta   91.74
_cell.angle_gamma   90.00
#
_symmetry.space_group_name_H-M   'P 1 21 1'
#
loop_
_entity.id
_entity.type
_entity.pdbx_description
1 polymer 'Glutamate receptor 2'
2 non-polymer '{[7-morpholin-4-yl-2,3-dioxo-6-(trifluoromethyl)-3,4-dihydroquinoxalin-1(2H)-yl]methyl}phosphonic acid'
3 non-polymer '9-(4-~{tert}-butylphenyl)-3,4-dihydropyrido[2,1-c][1,2,4]thiadiazine 2,2-dioxide'
4 non-polymer 'ZINC ION'
5 non-polymer GLYCEROL
6 non-polymer 'ACETATE ION'
7 water water
#
_entity_poly.entity_id   1
_entity_poly.type   'polypeptide(L)'
_entity_poly.pdbx_seq_one_letter_code
;GSNKTVVVTTILESPYVMMKKNHEMLEGNERYEGYCVDLAAEIAKHCGFKYKLTIVGDGKYGARDADTKIWNGMVGELVY
GKADIAIAPLTITLVREEVIDFSKPFMSLGISIMIKKGTPIESAEDLSKQTEIAYGTLDSGSTKEFFRRSKIAVFDKMWT
YMRSAEPSVFVRTTAEGVARVRKSKGKYAYLLESTMNEYIEQRKPCDTMKVGGNLDSKGYGIATPKGSSLRNAVNLAVLK
LNEQGLLDKLKNKWWYDKGECGS
;
_entity_poly.pdbx_strand_id   A,B
#
loop_
_chem_comp.id
_chem_comp.type
_chem_comp.name
_chem_comp.formula
9C0 non-polymer '9-(4-~{tert}-butylphenyl)-3,4-dihydropyrido[2,1-c][1,2,4]thiadiazine 2,2-dioxide' 'C17 H20 N2 O2 S'
ACT non-polymer 'ACETATE ION' 'C2 H3 O2 -1'
GOL non-polymer GLYCEROL 'C3 H8 O3'
ZK1 non-polymer '{[7-morpholin-4-yl-2,3-dioxo-6-(trifluoromethyl)-3,4-dihydroquinoxalin-1(2H)-yl]methyl}phosphonic acid' 'C14 H15 F3 N3 O6 P'
ZN non-polymer 'ZINC ION' 'Zn 2'
#
# COMPACT_ATOMS: atom_id res chain seq x y z
N LYS A 4 -12.86 30.82 1.32
CA LYS A 4 -13.81 30.20 2.28
C LYS A 4 -13.13 29.11 3.14
N THR A 5 -13.55 29.05 4.42
CA THR A 5 -13.03 28.03 5.36
C THR A 5 -13.54 26.65 4.97
N VAL A 6 -12.59 25.78 4.66
CA VAL A 6 -12.88 24.40 4.30
C VAL A 6 -13.36 23.61 5.50
N VAL A 7 -14.48 22.92 5.32
CA VAL A 7 -15.03 22.10 6.39
C VAL A 7 -14.47 20.69 6.23
N VAL A 8 -13.67 20.29 7.20
CA VAL A 8 -13.06 18.95 7.20
C VAL A 8 -13.94 18.05 8.07
N THR A 9 -14.39 16.93 7.53
CA THR A 9 -15.04 15.92 8.34
C THR A 9 -14.00 14.86 8.72
N THR A 10 -14.07 14.44 9.98
CA THR A 10 -13.19 13.40 10.48
C THR A 10 -13.93 12.64 11.59
N ILE A 11 -13.25 11.66 12.19
CA ILE A 11 -13.92 10.73 13.12
C ILE A 11 -13.02 10.53 14.35
N LEU A 12 -13.64 10.43 15.53
CA LEU A 12 -12.89 10.20 16.76
C LEU A 12 -12.53 8.73 16.87
N GLU A 13 -11.32 8.44 16.42
CA GLU A 13 -10.82 7.07 16.39
C GLU A 13 -9.34 7.21 16.71
N SER A 14 -8.88 6.49 17.73
CA SER A 14 -7.48 6.62 18.17
C SER A 14 -6.53 5.79 17.30
N PRO A 15 -5.33 6.27 16.97
CA PRO A 15 -4.76 7.55 17.35
C PRO A 15 -4.90 8.59 16.21
N TYR A 16 -5.87 8.39 15.34
CA TYR A 16 -6.05 9.30 14.20
CA TYR A 16 -6.07 9.26 14.18
C TYR A 16 -6.55 10.65 14.64
N VAL A 17 -7.62 10.69 15.45
CA VAL A 17 -8.14 11.96 15.99
C VAL A 17 -8.64 11.61 17.38
N MET A 18 -8.15 12.37 18.35
CA MET A 18 -8.44 12.14 19.76
C MET A 18 -8.67 13.48 20.40
N MET A 19 -9.50 13.51 21.45
CA MET A 19 -9.62 14.72 22.26
C MET A 19 -8.35 14.87 23.06
N LYS A 20 -7.75 16.05 23.05
CA LYS A 20 -6.63 16.32 23.97
C LYS A 20 -7.11 16.14 25.43
N LYS A 21 -6.20 15.70 26.29
CA LYS A 21 -6.46 15.62 27.74
C LYS A 21 -7.13 16.89 28.27
N ASN A 22 -6.63 18.04 27.86
CA ASN A 22 -7.18 19.31 28.33
C ASN A 22 -8.19 19.94 27.35
N HIS A 23 -8.89 19.13 26.57
CA HIS A 23 -9.74 19.65 25.48
C HIS A 23 -10.78 20.65 25.95
N GLU A 24 -11.29 20.49 27.16
CA GLU A 24 -12.31 21.42 27.70
C GLU A 24 -11.84 22.86 27.81
N MET A 25 -10.52 23.02 27.93
CA MET A 25 -9.89 24.34 28.05
C MET A 25 -9.55 24.97 26.71
N LEU A 26 -9.74 24.21 25.64
CA LEU A 26 -9.29 24.59 24.32
C LEU A 26 -10.49 24.79 23.37
N GLU A 27 -10.20 25.42 22.24
CA GLU A 27 -11.24 25.78 21.26
C GLU A 27 -10.82 25.45 19.84
N GLY A 28 -11.81 25.24 19.00
CA GLY A 28 -11.59 25.04 17.57
C GLY A 28 -10.68 23.86 17.31
N ASN A 29 -9.79 24.00 16.34
CA ASN A 29 -8.96 22.88 15.91
C ASN A 29 -8.00 22.41 16.99
N GLU A 30 -7.67 23.32 17.92
CA GLU A 30 -6.75 23.01 19.02
C GLU A 30 -7.24 21.95 20.00
N ARG A 31 -8.54 21.62 19.98
CA ARG A 31 -9.07 20.58 20.88
C ARG A 31 -8.59 19.16 20.59
N TYR A 32 -8.14 18.93 19.35
CA TYR A 32 -7.88 17.61 18.84
C TYR A 32 -6.39 17.35 18.64
N GLU A 33 -6.01 16.07 18.69
CA GLU A 33 -4.65 15.67 18.33
C GLU A 33 -4.70 14.28 17.71
N GLY A 34 -3.63 13.97 16.98
CA GLY A 34 -3.48 12.62 16.42
C GLY A 34 -2.91 12.62 15.02
N TYR A 35 -2.74 11.43 14.45
CA TYR A 35 -2.11 11.28 13.14
C TYR A 35 -2.87 12.12 12.11
N CYS A 36 -4.21 12.02 12.10
CA CYS A 36 -4.96 12.72 11.06
C CYS A 36 -5.09 14.21 11.33
N VAL A 37 -4.95 14.65 12.58
CA VAL A 37 -4.86 16.08 12.91
C VAL A 37 -3.56 16.65 12.34
N ASP A 38 -2.45 15.93 12.52
CA ASP A 38 -1.17 16.32 11.93
C ASP A 38 -1.24 16.30 10.39
N LEU A 39 -1.89 15.26 9.84
CA LEU A 39 -2.06 15.14 8.41
C LEU A 39 -2.87 16.30 7.85
N ALA A 40 -4.00 16.63 8.48
CA ALA A 40 -4.83 17.73 8.01
C ALA A 40 -4.07 19.05 7.98
N ALA A 41 -3.28 19.31 9.02
CA ALA A 41 -2.53 20.57 9.05
C ALA A 41 -1.56 20.67 7.87
N GLU A 42 -0.90 19.58 7.53
CA GLU A 42 0.04 19.59 6.43
C GLU A 42 -0.65 19.64 5.06
N ILE A 43 -1.75 18.89 4.90
CA ILE A 43 -2.51 18.97 3.64
C ILE A 43 -3.00 20.39 3.41
N ALA A 44 -3.58 21.02 4.44
CA ALA A 44 -4.07 22.39 4.33
C ALA A 44 -2.95 23.34 3.96
N LYS A 45 -1.75 23.17 4.55
CA LYS A 45 -0.59 24.03 4.23
C LYS A 45 -0.23 23.89 2.75
N HIS A 46 -0.07 22.66 2.29
CA HIS A 46 0.31 22.41 0.88
C HIS A 46 -0.72 22.88 -0.12
N CYS A 47 -2.00 22.82 0.25
CA CYS A 47 -3.09 23.13 -0.66
C CYS A 47 -3.52 24.60 -0.53
N GLY A 48 -3.04 25.28 0.51
CA GLY A 48 -3.32 26.71 0.70
C GLY A 48 -4.73 27.02 1.17
N PHE A 49 -5.30 26.20 2.05
CA PHE A 49 -6.60 26.53 2.62
C PHE A 49 -6.57 26.62 4.15
N LYS A 50 -7.46 27.45 4.68
CA LYS A 50 -7.79 27.46 6.11
C LYS A 50 -8.97 26.49 6.31
N TYR A 51 -9.06 25.91 7.51
CA TYR A 51 -10.04 24.82 7.71
C TYR A 51 -10.59 24.75 9.12
N LYS A 52 -11.73 24.10 9.23
CA LYS A 52 -12.34 23.78 10.50
C LYS A 52 -12.52 22.27 10.61
N LEU A 53 -11.89 21.66 11.61
CA LEU A 53 -12.10 20.23 11.92
C LEU A 53 -13.46 20.02 12.55
N THR A 54 -14.23 19.12 11.96
CA THR A 54 -15.55 18.75 12.52
C THR A 54 -15.57 17.23 12.65
N ILE A 55 -16.25 16.75 13.67
CA ILE A 55 -16.41 15.31 13.90
C ILE A 55 -17.74 14.89 13.28
N VAL A 56 -17.67 13.90 12.39
CA VAL A 56 -18.81 13.40 11.64
C VAL A 56 -20.01 13.17 12.58
N GLY A 57 -21.15 13.70 12.18
CA GLY A 57 -22.30 13.71 13.06
C GLY A 57 -22.74 12.35 13.55
N ASP A 58 -22.76 11.37 12.67
CA ASP A 58 -23.24 10.04 13.06
C ASP A 58 -22.14 9.09 13.55
N GLY A 59 -20.88 9.55 13.59
CA GLY A 59 -19.77 8.74 14.04
C GLY A 59 -19.39 7.58 13.15
N LYS A 60 -19.79 7.62 11.88
CA LYS A 60 -19.58 6.51 10.95
C LYS A 60 -18.67 6.89 9.78
N TYR A 61 -18.14 5.86 9.13
CA TYR A 61 -17.24 6.00 8.01
C TYR A 61 -18.00 6.26 6.69
N GLY A 62 -18.92 5.37 6.36
CA GLY A 62 -19.75 5.63 5.20
C GLY A 62 -20.20 4.39 4.46
N ALA A 63 -21.51 4.17 4.47
CA ALA A 63 -22.14 3.03 3.77
C ALA A 63 -23.47 3.49 3.25
N ARG A 64 -23.91 2.85 2.17
CA ARG A 64 -25.19 3.14 1.52
C ARG A 64 -26.26 2.20 2.04
N ASP A 65 -27.30 2.75 2.66
CA ASP A 65 -28.38 1.90 3.15
C ASP A 65 -29.03 1.17 1.98
N ALA A 66 -29.14 -0.15 2.11
CA ALA A 66 -29.69 -1.01 1.03
C ALA A 66 -31.15 -0.67 0.65
N ASP A 67 -31.91 -0.10 1.59
CA ASP A 67 -33.32 0.22 1.36
C ASP A 67 -33.61 1.69 0.95
N THR A 68 -33.09 2.65 1.72
CA THR A 68 -33.26 4.08 1.42
C THR A 68 -32.32 4.57 0.32
N LYS A 69 -31.22 3.83 0.11
CA LYS A 69 -30.12 4.20 -0.82
C LYS A 69 -29.33 5.47 -0.36
N ILE A 70 -29.50 5.85 0.92
CA ILE A 70 -28.83 7.04 1.47
C ILE A 70 -27.48 6.66 2.10
N TRP A 71 -26.46 7.42 1.75
CA TRP A 71 -25.11 7.28 2.35
C TRP A 71 -25.05 7.88 3.76
N ASN A 72 -24.50 7.14 4.70
CA ASN A 72 -24.26 7.71 6.04
C ASN A 72 -22.78 8.10 6.21
N GLY A 73 -22.40 8.48 7.44
CA GLY A 73 -21.01 8.71 7.75
C GLY A 73 -20.36 9.86 7.03
N MET A 74 -19.03 9.82 7.04
CA MET A 74 -18.23 10.86 6.35
C MET A 74 -18.50 10.85 4.85
N VAL A 75 -18.66 9.66 4.26
CA VAL A 75 -19.00 9.61 2.83
C VAL A 75 -20.29 10.40 2.58
N GLY A 76 -21.33 10.17 3.37
CA GLY A 76 -22.57 10.95 3.21
C GLY A 76 -22.39 12.42 3.39
N GLU A 77 -21.59 12.84 4.37
CA GLU A 77 -21.35 14.27 4.54
C GLU A 77 -20.73 14.90 3.28
N LEU A 78 -19.85 14.17 2.60
CA LEU A 78 -19.30 14.67 1.33
C LEU A 78 -20.33 14.64 0.19
N VAL A 79 -21.02 13.50 0.06
CA VAL A 79 -21.96 13.31 -1.06
C VAL A 79 -23.09 14.36 -1.01
N TYR A 80 -23.58 14.66 0.19
CA TYR A 80 -24.74 15.55 0.33
C TYR A 80 -24.40 17.00 0.59
N GLY A 81 -23.10 17.32 0.63
CA GLY A 81 -22.71 18.74 0.70
C GLY A 81 -22.55 19.33 2.08
N LYS A 82 -22.40 18.48 3.08
CA LYS A 82 -22.21 18.92 4.46
C LYS A 82 -20.76 19.17 4.84
N ALA A 83 -19.82 18.60 4.08
CA ALA A 83 -18.38 18.83 4.33
C ALA A 83 -17.66 18.90 3.02
N ASP A 84 -16.48 19.53 3.02
CA ASP A 84 -15.67 19.72 1.80
C ASP A 84 -14.63 18.65 1.55
N ILE A 85 -14.18 18.00 2.62
CA ILE A 85 -13.08 17.03 2.55
C ILE A 85 -13.18 16.14 3.78
N ALA A 86 -12.81 14.87 3.63
CA ALA A 86 -12.72 13.94 4.74
C ALA A 86 -11.26 13.57 4.94
N ILE A 87 -10.73 13.79 6.14
CA ILE A 87 -9.31 13.49 6.44
C ILE A 87 -9.34 12.56 7.66
N ALA A 88 -9.30 11.28 7.37
CA ALA A 88 -9.62 10.24 8.38
C ALA A 88 -9.07 8.90 7.83
N PRO A 89 -9.06 7.81 8.66
CA PRO A 89 -8.67 6.48 8.15
C PRO A 89 -9.87 5.91 7.39
N LEU A 90 -10.15 6.48 6.22
CA LEU A 90 -11.32 6.09 5.40
C LEU A 90 -10.85 5.14 4.31
N THR A 91 -11.33 3.90 4.35
CA THR A 91 -10.83 2.88 3.45
C THR A 91 -11.31 3.13 2.03
N ILE A 92 -10.34 3.04 1.12
CA ILE A 92 -10.61 3.17 -0.32
C ILE A 92 -11.35 1.91 -0.81
N THR A 93 -12.59 2.06 -1.26
CA THR A 93 -13.36 0.91 -1.77
C THR A 93 -14.05 1.31 -3.06
N LEU A 94 -14.39 0.31 -3.86
CA LEU A 94 -15.06 0.53 -5.11
C LEU A 94 -16.36 1.33 -4.95
N VAL A 95 -17.25 0.90 -4.05
CA VAL A 95 -18.54 1.57 -3.97
C VAL A 95 -18.41 3.03 -3.50
N ARG A 96 -17.39 3.31 -2.67
CA ARG A 96 -17.12 4.69 -2.28
C ARG A 96 -16.51 5.52 -3.39
N GLU A 97 -15.57 4.94 -4.13
CA GLU A 97 -14.94 5.64 -5.24
C GLU A 97 -15.92 5.95 -6.39
N GLU A 98 -17.04 5.22 -6.43
CA GLU A 98 -18.11 5.56 -7.38
C GLU A 98 -18.81 6.88 -7.08
N VAL A 99 -18.80 7.31 -5.80
CA VAL A 99 -19.58 8.49 -5.36
C VAL A 99 -18.78 9.68 -4.83
N ILE A 100 -17.51 9.44 -4.43
CA ILE A 100 -16.57 10.48 -4.00
CA ILE A 100 -16.57 10.50 -4.05
C ILE A 100 -15.22 10.19 -4.71
N ASP A 101 -14.29 11.13 -4.64
CA ASP A 101 -12.92 10.87 -5.12
C ASP A 101 -11.96 10.69 -3.96
N PHE A 102 -11.16 9.66 -4.04
CA PHE A 102 -10.09 9.45 -3.05
C PHE A 102 -8.74 9.93 -3.59
N SER A 103 -7.93 10.50 -2.72
CA SER A 103 -6.50 10.65 -2.96
C SER A 103 -5.84 9.27 -3.06
N LYS A 104 -4.61 9.25 -3.57
CA LYS A 104 -3.78 8.08 -3.36
C LYS A 104 -3.74 7.75 -1.86
N PRO A 105 -3.52 6.46 -1.52
CA PRO A 105 -3.53 6.11 -0.09
C PRO A 105 -2.39 6.74 0.67
N PHE A 106 -2.65 7.09 1.92
CA PHE A 106 -1.62 7.58 2.81
C PHE A 106 -1.14 6.52 3.79
N MET A 107 -1.83 5.39 3.89
CA MET A 107 -1.46 4.32 4.83
C MET A 107 -2.01 3.02 4.30
N SER A 108 -1.24 1.93 4.46
CA SER A 108 -1.73 0.60 4.13
C SER A 108 -2.31 -0.13 5.33
N LEU A 109 -3.19 -1.09 5.03
CA LEU A 109 -3.79 -1.92 6.09
C LEU A 109 -4.24 -3.22 5.48
N GLY A 110 -4.59 -4.16 6.36
CA GLY A 110 -5.25 -5.39 5.92
C GLY A 110 -5.88 -6.09 7.11
N ILE A 111 -6.77 -7.05 6.87
CA ILE A 111 -7.39 -7.80 7.96
C ILE A 111 -6.29 -8.59 8.69
N SER A 112 -6.35 -8.63 10.02
CA SER A 112 -5.32 -9.25 10.82
C SER A 112 -5.95 -9.94 12.04
N ILE A 113 -5.15 -10.73 12.74
CA ILE A 113 -5.63 -11.51 13.88
C ILE A 113 -5.06 -10.92 15.16
N MET A 114 -5.93 -10.62 16.12
CA MET A 114 -5.55 -10.26 17.49
C MET A 114 -5.73 -11.43 18.41
N ILE A 115 -4.66 -11.76 19.12
CA ILE A 115 -4.71 -12.80 20.17
C ILE A 115 -4.37 -12.25 21.52
N LYS A 116 -4.79 -12.94 22.57
CA LYS A 116 -4.21 -12.68 23.86
CA LYS A 116 -4.25 -12.74 23.92
C LYS A 116 -2.82 -13.29 23.87
N LYS A 117 -1.84 -12.56 24.44
CA LYS A 117 -0.48 -13.06 24.48
C LYS A 117 -0.44 -14.48 25.01
N GLY A 118 0.29 -15.31 24.28
CA GLY A 118 0.49 -16.70 24.68
C GLY A 118 -0.40 -17.69 23.98
N THR A 119 -1.38 -17.20 23.22
CA THR A 119 -2.31 -18.08 22.47
C THR A 119 -1.55 -18.79 21.36
N PRO A 120 -1.73 -20.12 21.24
CA PRO A 120 -0.96 -20.91 20.26
C PRO A 120 -1.56 -20.83 18.84
N ILE A 121 -1.53 -19.63 18.27
CA ILE A 121 -2.08 -19.33 16.94
C ILE A 121 -1.08 -18.41 16.26
N GLU A 122 -0.67 -18.76 15.03
CA GLU A 122 0.23 -17.90 14.27
C GLU A 122 -0.32 -17.44 12.93
N SER A 123 -1.52 -17.89 12.57
CA SER A 123 -2.07 -17.64 11.22
C SER A 123 -3.54 -17.95 11.15
N ALA A 124 -4.19 -17.45 10.08
CA ALA A 124 -5.59 -17.81 9.81
C ALA A 124 -5.74 -19.32 9.62
N GLU A 125 -4.79 -19.93 8.91
CA GLU A 125 -4.82 -21.39 8.74
C GLU A 125 -4.87 -22.09 10.10
N ASP A 126 -4.06 -21.63 11.05
CA ASP A 126 -4.10 -22.22 12.42
C ASP A 126 -5.50 -22.12 13.03
N LEU A 127 -6.13 -20.93 12.95
CA LEU A 127 -7.48 -20.78 13.49
C LEU A 127 -8.46 -21.76 12.87
N SER A 128 -8.37 -21.89 11.54
CA SER A 128 -9.32 -22.67 10.76
C SER A 128 -9.26 -24.19 11.04
N LYS A 129 -8.12 -24.66 11.55
CA LYS A 129 -7.88 -26.11 11.78
C LYS A 129 -8.16 -26.56 13.21
N GLN A 130 -8.79 -25.72 14.02
CA GLN A 130 -9.06 -26.06 15.43
C GLN A 130 -10.39 -25.46 15.91
N THR A 131 -10.83 -25.88 17.09
CA THR A 131 -12.11 -25.42 17.68
C THR A 131 -11.98 -24.88 19.11
N GLU A 132 -10.87 -25.16 19.79
CA GLU A 132 -10.66 -24.72 21.18
C GLU A 132 -10.71 -23.21 21.33
N ILE A 133 -10.15 -22.51 20.34
CA ILE A 133 -10.08 -21.05 20.31
C ILE A 133 -11.18 -20.57 19.37
N ALA A 134 -12.17 -19.88 19.92
CA ALA A 134 -13.23 -19.23 19.14
C ALA A 134 -12.66 -17.97 18.51
N TYR A 135 -13.30 -17.48 17.44
CA TYR A 135 -12.82 -16.25 16.80
C TYR A 135 -13.94 -15.58 16.05
N GLY A 136 -13.88 -14.25 15.96
CA GLY A 136 -14.91 -13.50 15.28
C GLY A 136 -14.47 -12.09 14.98
N THR A 137 -15.45 -11.25 14.70
CA THR A 137 -15.20 -9.91 14.18
C THR A 137 -16.43 -9.03 14.44
N LEU A 138 -16.42 -7.79 13.95
CA LEU A 138 -17.59 -6.91 14.07
C LEU A 138 -18.79 -7.54 13.34
N ASP A 139 -19.96 -7.45 13.99
CA ASP A 139 -21.21 -8.02 13.44
C ASP A 139 -21.65 -7.39 12.11
N SER A 140 -21.24 -6.15 11.85
CA SER A 140 -21.50 -5.46 10.59
C SER A 140 -20.17 -4.83 10.22
N GLY A 141 -19.75 -5.11 9.00
CA GLY A 141 -18.56 -4.47 8.48
C GLY A 141 -17.85 -5.21 7.39
N SER A 142 -16.73 -4.60 6.98
CA SER A 142 -15.98 -5.13 5.85
C SER A 142 -15.25 -6.43 6.15
N THR A 143 -14.86 -6.65 7.42
CA THR A 143 -14.17 -7.91 7.70
C THR A 143 -15.12 -9.10 7.52
N LYS A 144 -16.33 -8.99 8.08
CA LYS A 144 -17.34 -10.00 7.93
C LYS A 144 -17.62 -10.25 6.44
N GLU A 145 -17.72 -9.18 5.67
CA GLU A 145 -18.03 -9.30 4.23
C GLU A 145 -16.91 -9.97 3.45
N PHE A 146 -15.65 -9.68 3.81
CA PHE A 146 -14.51 -10.35 3.22
C PHE A 146 -14.64 -11.87 3.35
N PHE A 147 -14.92 -12.31 4.58
CA PHE A 147 -15.08 -13.73 4.84
C PHE A 147 -16.27 -14.34 4.12
N ARG A 148 -17.40 -13.64 4.16
CA ARG A 148 -18.62 -14.14 3.52
C ARG A 148 -18.40 -14.39 2.03
N ARG A 149 -17.65 -13.48 1.37
CA ARG A 149 -17.47 -13.55 -0.09
C ARG A 149 -16.27 -14.42 -0.51
N SER A 150 -15.37 -14.79 0.40
CA SER A 150 -14.13 -15.40 -0.06
C SER A 150 -14.29 -16.79 -0.66
N LYS A 151 -13.54 -17.03 -1.71
CA LYS A 151 -13.40 -18.37 -2.33
C LYS A 151 -12.16 -19.14 -1.88
N ILE A 152 -11.30 -18.50 -1.08
CA ILE A 152 -10.12 -19.15 -0.53
C ILE A 152 -10.55 -20.20 0.50
N ALA A 153 -10.02 -21.43 0.40
CA ALA A 153 -10.48 -22.54 1.23
C ALA A 153 -10.42 -22.25 2.73
N VAL A 154 -9.29 -21.71 3.19
CA VAL A 154 -9.13 -21.39 4.62
C VAL A 154 -10.19 -20.38 5.08
N PHE A 155 -10.43 -19.36 4.26
CA PHE A 155 -11.34 -18.29 4.66
C PHE A 155 -12.82 -18.72 4.58
N ASP A 156 -13.14 -19.58 3.60
CA ASP A 156 -14.45 -20.22 3.52
C ASP A 156 -14.74 -21.10 4.76
N LYS A 157 -13.74 -21.86 5.18
CA LYS A 157 -13.83 -22.69 6.39
C LYS A 157 -14.09 -21.78 7.60
N MET A 158 -13.35 -20.67 7.69
CA MET A 158 -13.55 -19.73 8.79
C MET A 158 -14.94 -19.10 8.78
N TRP A 159 -15.44 -18.70 7.62
CA TRP A 159 -16.76 -18.13 7.53
C TRP A 159 -17.87 -19.10 7.97
N THR A 160 -17.75 -20.32 7.48
CA THR A 160 -18.73 -21.35 7.81
C THR A 160 -18.81 -21.57 9.32
N TYR A 161 -17.65 -21.61 9.98
CA TYR A 161 -17.61 -21.67 11.43
C TYR A 161 -18.24 -20.42 12.09
N MET A 162 -17.78 -19.23 11.70
CA MET A 162 -18.18 -18.01 12.41
C MET A 162 -19.69 -17.75 12.30
N ARG A 163 -20.25 -17.96 11.11
CA ARG A 163 -21.64 -17.57 10.88
C ARG A 163 -22.62 -18.36 11.75
N SER A 164 -22.21 -19.57 12.18
CA SER A 164 -23.08 -20.48 12.92
C SER A 164 -22.68 -20.73 14.38
N ALA A 165 -21.56 -20.16 14.81
CA ALA A 165 -21.04 -20.38 16.17
C ALA A 165 -22.02 -19.86 17.23
N GLU A 166 -22.16 -20.66 18.29
CA GLU A 166 -23.04 -20.33 19.43
C GLU A 166 -22.20 -20.59 20.68
N PRO A 167 -22.05 -19.62 21.60
CA PRO A 167 -22.61 -18.26 21.52
C PRO A 167 -22.01 -17.47 20.35
N SER A 168 -22.68 -16.40 19.97
CA SER A 168 -22.24 -15.58 18.83
C SER A 168 -20.79 -15.12 19.00
N VAL A 169 -20.01 -15.22 17.92
CA VAL A 169 -18.63 -14.73 17.94
C VAL A 169 -18.52 -13.29 17.44
N PHE A 170 -19.65 -12.69 17.07
CA PHE A 170 -19.64 -11.32 16.58
C PHE A 170 -19.83 -10.31 17.68
N VAL A 171 -19.25 -9.13 17.49
CA VAL A 171 -19.30 -8.07 18.51
C VAL A 171 -19.83 -6.76 17.93
N ARG A 172 -20.32 -5.88 18.79
CA ARG A 172 -20.84 -4.58 18.33
C ARG A 172 -19.76 -3.53 18.14
N THR A 173 -18.71 -3.59 18.95
CA THR A 173 -17.63 -2.62 18.92
C THR A 173 -16.28 -3.30 19.17
N THR A 174 -15.18 -2.66 18.78
CA THR A 174 -13.87 -3.15 19.09
C THR A 174 -13.57 -3.11 20.58
N ALA A 175 -14.12 -2.16 21.34
CA ALA A 175 -13.92 -2.20 22.79
C ALA A 175 -14.46 -3.52 23.33
N GLU A 176 -15.62 -3.97 22.85
CA GLU A 176 -16.18 -5.26 23.22
C GLU A 176 -15.30 -6.43 22.75
N GLY A 177 -14.81 -6.38 21.51
CA GLY A 177 -13.95 -7.43 20.98
C GLY A 177 -12.66 -7.60 21.75
N VAL A 178 -12.03 -6.47 22.08
CA VAL A 178 -10.78 -6.47 22.83
C VAL A 178 -11.02 -6.98 24.25
N ALA A 179 -12.11 -6.55 24.90
CA ALA A 179 -12.41 -7.03 26.25
C ALA A 179 -12.65 -8.54 26.20
N ARG A 180 -13.29 -9.01 25.14
CA ARG A 180 -13.56 -10.44 25.00
C ARG A 180 -12.26 -11.23 24.86
N VAL A 181 -11.32 -10.74 24.06
CA VAL A 181 -9.99 -11.35 23.99
C VAL A 181 -9.33 -11.38 25.37
N ARG A 182 -9.38 -10.25 26.08
CA ARG A 182 -8.65 -10.10 27.32
C ARG A 182 -9.15 -10.99 28.45
N LYS A 183 -10.43 -11.34 28.50
CA LYS A 183 -10.92 -12.20 29.60
C LYS A 183 -10.96 -13.67 29.20
N SER A 184 -10.53 -13.98 27.99
CA SER A 184 -10.79 -15.31 27.39
C SER A 184 -9.80 -16.38 27.78
N LYS A 185 -8.69 -16.02 28.45
CA LYS A 185 -7.56 -16.94 28.71
C LYS A 185 -6.99 -17.48 27.40
N GLY A 186 -7.14 -16.69 26.34
CA GLY A 186 -6.65 -17.05 25.01
C GLY A 186 -7.63 -17.82 24.15
N LYS A 187 -8.86 -18.04 24.64
CA LYS A 187 -9.86 -18.83 23.91
C LYS A 187 -10.78 -18.02 23.00
N TYR A 188 -10.47 -16.73 22.81
CA TYR A 188 -11.14 -15.94 21.78
C TYR A 188 -10.07 -15.10 21.09
N ALA A 189 -10.11 -15.10 19.75
CA ALA A 189 -9.26 -14.24 18.91
C ALA A 189 -10.19 -13.33 18.09
N TYR A 190 -9.70 -12.12 17.81
CA TYR A 190 -10.53 -11.08 17.19
C TYR A 190 -9.88 -10.64 15.86
N LEU A 191 -10.68 -10.60 14.80
CA LEU A 191 -10.22 -10.21 13.46
C LEU A 191 -10.55 -8.74 13.22
N LEU A 192 -9.54 -7.96 12.86
CA LEU A 192 -9.72 -6.50 12.69
C LEU A 192 -8.57 -5.92 11.84
N GLU A 193 -8.77 -4.68 11.39
CA GLU A 193 -7.75 -3.97 10.63
C GLU A 193 -6.41 -3.96 11.36
N SER A 194 -5.35 -4.23 10.59
CA SER A 194 -4.00 -4.27 11.12
C SER A 194 -3.57 -3.01 11.85
N THR A 195 -4.00 -1.83 11.37
CA THR A 195 -3.56 -0.60 11.99
C THR A 195 -4.07 -0.50 13.41
N MET A 196 -5.32 -0.90 13.64
CA MET A 196 -5.87 -0.89 14.99
C MET A 196 -5.28 -2.00 15.86
N ASN A 197 -5.06 -3.18 15.26
CA ASN A 197 -4.46 -4.29 16.00
C ASN A 197 -3.06 -3.87 16.52
N GLU A 198 -2.27 -3.28 15.62
CA GLU A 198 -0.93 -2.77 15.95
C GLU A 198 -0.98 -1.70 17.01
N TYR A 199 -1.96 -0.82 16.94
CA TYR A 199 -2.11 0.21 17.94
C TYR A 199 -2.37 -0.38 19.34
N ILE A 200 -3.34 -1.29 19.41
CA ILE A 200 -3.71 -1.87 20.71
C ILE A 200 -2.56 -2.69 21.32
N GLU A 201 -1.75 -3.34 20.49
CA GLU A 201 -0.57 -4.07 20.97
C GLU A 201 0.38 -3.12 21.74
N GLN A 202 0.33 -1.82 21.41
CA GLN A 202 1.20 -0.84 22.07
C GLN A 202 0.53 -0.11 23.22
N ARG A 203 -0.64 -0.59 23.63
CA ARG A 203 -1.37 0.04 24.77
C ARG A 203 -1.40 -0.88 25.96
N LYS A 204 -1.24 -0.29 27.15
CA LYS A 204 -1.49 -1.01 28.41
C LYS A 204 -2.91 -1.60 28.34
N PRO A 205 -3.12 -2.82 28.84
CA PRO A 205 -2.18 -3.58 29.67
C PRO A 205 -1.20 -4.49 28.90
N CYS A 206 -1.00 -4.28 27.60
CA CYS A 206 0.12 -4.95 26.89
C CYS A 206 -0.04 -6.47 26.90
N ASP A 207 -1.28 -6.93 26.69
CA ASP A 207 -1.58 -8.36 26.78
C ASP A 207 -2.18 -8.90 25.49
N THR A 208 -2.15 -8.13 24.42
CA THR A 208 -2.58 -8.61 23.09
C THR A 208 -1.45 -8.51 22.09
N MET A 209 -1.55 -9.29 21.01
CA MET A 209 -0.55 -9.29 19.94
C MET A 209 -1.25 -9.42 18.60
N LYS A 210 -0.67 -8.79 17.59
CA LYS A 210 -1.02 -9.08 16.19
C LYS A 210 -0.19 -10.24 15.68
N VAL A 211 -0.85 -11.25 15.11
CA VAL A 211 -0.13 -12.40 14.57
C VAL A 211 -0.51 -12.71 13.13
N GLY A 212 0.44 -13.26 12.38
CA GLY A 212 0.20 -13.64 10.99
C GLY A 212 0.30 -12.49 10.01
N GLY A 213 0.39 -12.84 8.74
CA GLY A 213 0.37 -11.84 7.68
C GLY A 213 -1.04 -11.29 7.58
N ASN A 214 -1.17 -10.14 6.95
CA ASN A 214 -2.50 -9.60 6.66
C ASN A 214 -3.24 -10.50 5.65
N LEU A 215 -4.57 -10.54 5.72
CA LEU A 215 -5.34 -11.44 4.85
C LEU A 215 -5.72 -10.80 3.54
N ASP A 216 -5.70 -9.46 3.49
CA ASP A 216 -5.96 -8.69 2.30
C ASP A 216 -5.08 -7.42 2.35
N SER A 217 -5.21 -6.59 1.34
CA SER A 217 -4.40 -5.36 1.22
C SER A 217 -5.30 -4.24 0.80
N LYS A 218 -5.39 -3.21 1.63
CA LYS A 218 -6.23 -2.05 1.37
C LYS A 218 -5.43 -0.81 1.77
N GLY A 219 -6.04 0.34 1.55
CA GLY A 219 -5.43 1.61 1.92
C GLY A 219 -6.46 2.61 2.42
N TYR A 220 -6.02 3.53 3.26
CA TYR A 220 -6.83 4.70 3.65
C TYR A 220 -6.48 5.88 2.76
N GLY A 221 -7.50 6.66 2.36
CA GLY A 221 -7.27 7.84 1.52
C GLY A 221 -8.07 9.03 2.03
N ILE A 222 -7.67 10.22 1.56
CA ILE A 222 -8.43 11.46 1.78
C ILE A 222 -9.50 11.56 0.72
N ALA A 223 -10.71 11.92 1.08
CA ALA A 223 -11.82 11.97 0.12
C ALA A 223 -12.40 13.36 -0.07
N THR A 224 -12.79 13.67 -1.30
CA THR A 224 -13.43 14.93 -1.66
C THR A 224 -14.68 14.62 -2.48
N PRO A 225 -15.72 15.49 -2.44
CA PRO A 225 -16.89 15.28 -3.28
C PRO A 225 -16.52 15.40 -4.76
N LYS A 226 -17.25 14.71 -5.62
CA LYS A 226 -17.05 14.84 -7.08
C LYS A 226 -17.08 16.32 -7.46
N GLY A 227 -16.16 16.71 -8.36
CA GLY A 227 -16.12 18.09 -8.84
C GLY A 227 -15.37 19.10 -7.97
N SER A 228 -14.83 18.62 -6.83
CA SER A 228 -14.11 19.50 -5.92
C SER A 228 -12.89 20.14 -6.56
N SER A 229 -12.73 21.44 -6.31
CA SER A 229 -11.55 22.16 -6.78
C SER A 229 -10.29 21.77 -6.01
N LEU A 230 -10.43 21.00 -4.94
CA LEU A 230 -9.30 20.57 -4.11
C LEU A 230 -8.72 19.26 -4.57
N ARG A 231 -9.42 18.52 -5.44
CA ARG A 231 -9.04 17.13 -5.73
C ARG A 231 -7.58 16.96 -6.11
N ASN A 232 -7.15 17.70 -7.12
CA ASN A 232 -5.80 17.53 -7.65
CA ASN A 232 -5.81 17.55 -7.67
C ASN A 232 -4.72 17.90 -6.66
N ALA A 233 -4.89 19.04 -5.98
CA ALA A 233 -3.87 19.50 -5.04
C ALA A 233 -3.74 18.55 -3.86
N VAL A 234 -4.87 18.02 -3.36
CA VAL A 234 -4.86 17.07 -2.24
C VAL A 234 -4.12 15.83 -2.66
N ASN A 235 -4.38 15.35 -3.86
CA ASN A 235 -3.73 14.16 -4.32
C ASN A 235 -2.20 14.33 -4.40
N LEU A 236 -1.73 15.44 -5.00
CA LEU A 236 -0.29 15.72 -5.11
C LEU A 236 0.34 15.91 -3.73
N ALA A 237 -0.42 16.50 -2.80
CA ALA A 237 0.07 16.70 -1.43
C ALA A 237 0.32 15.38 -0.72
N VAL A 238 -0.58 14.42 -0.87
CA VAL A 238 -0.36 13.11 -0.24
C VAL A 238 0.96 12.49 -0.76
N LEU A 239 1.20 12.58 -2.07
CA LEU A 239 2.45 12.06 -2.63
C LEU A 239 3.68 12.83 -2.13
N LYS A 240 3.58 14.16 -2.06
CA LYS A 240 4.69 14.95 -1.54
C LYS A 240 5.03 14.58 -0.09
N LEU A 241 4.00 14.43 0.74
CA LEU A 241 4.23 14.06 2.14
C LEU A 241 4.91 12.72 2.27
N ASN A 242 4.51 11.76 1.42
CA ASN A 242 5.19 10.47 1.48
C ASN A 242 6.65 10.59 1.06
N GLU A 243 6.91 11.32 -0.03
CA GLU A 243 8.27 11.47 -0.54
C GLU A 243 9.18 12.22 0.44
N GLN A 244 8.58 13.08 1.27
CA GLN A 244 9.32 13.84 2.32
C GLN A 244 9.52 13.01 3.58
N GLY A 245 8.98 11.82 3.63
CA GLY A 245 9.14 10.95 4.81
C GLY A 245 8.13 11.21 5.91
N LEU A 246 7.21 12.15 5.69
CA LEU A 246 6.36 12.57 6.80
C LEU A 246 5.33 11.52 7.20
N LEU A 247 4.78 10.79 6.23
CA LEU A 247 3.79 9.76 6.60
C LEU A 247 4.39 8.69 7.51
N ASP A 248 5.61 8.24 7.20
CA ASP A 248 6.27 7.25 8.06
C ASP A 248 6.61 7.84 9.42
N LYS A 249 7.02 9.10 9.42
CA LYS A 249 7.34 9.77 10.69
C LYS A 249 6.09 9.85 11.58
N LEU A 250 4.96 10.21 11.00
CA LEU A 250 3.72 10.32 11.78
C LEU A 250 3.24 8.97 12.30
N LYS A 251 3.39 7.91 11.49
CA LYS A 251 2.98 6.59 11.97
C LYS A 251 3.86 6.19 13.16
N ASN A 252 5.17 6.40 13.03
CA ASN A 252 6.03 6.07 14.13
C ASN A 252 5.70 6.89 15.40
N LYS A 253 5.44 8.19 15.23
CA LYS A 253 5.10 9.07 16.35
C LYS A 253 3.90 8.51 17.12
N TRP A 254 2.79 8.24 16.41
CA TRP A 254 1.53 8.00 17.10
C TRP A 254 1.39 6.55 17.56
N TRP A 255 2.04 5.60 16.89
CA TRP A 255 1.96 4.19 17.28
C TRP A 255 3.07 3.76 18.26
N TYR A 256 4.28 4.26 18.05
CA TYR A 256 5.44 3.74 18.77
C TYR A 256 6.09 4.72 19.74
N ASP A 257 6.36 5.96 19.32
CA ASP A 257 6.95 6.93 20.26
C ASP A 257 6.02 7.17 21.44
N LYS A 258 4.72 7.19 21.16
CA LYS A 258 3.70 7.33 22.18
C LYS A 258 3.14 5.99 22.71
N GLY A 259 3.80 4.89 22.34
CA GLY A 259 3.41 3.53 22.80
C GLY A 259 3.71 3.34 24.27
N GLU A 260 3.08 2.31 24.86
CA GLU A 260 3.14 2.05 26.32
C GLU A 260 3.74 0.67 26.64
N CYS A 261 4.13 -0.07 25.62
CA CYS A 261 4.56 -1.47 25.77
C CYS A 261 5.99 -1.72 25.30
N GLY A 262 6.73 -0.65 25.05
CA GLY A 262 8.11 -0.73 24.57
C GLY A 262 9.08 -0.78 25.72
N LYS B 4 -12.21 2.08 -30.65
CA LYS B 4 -10.94 1.70 -31.33
C LYS B 4 -9.98 0.89 -30.42
N THR B 5 -8.89 0.41 -31.01
CA THR B 5 -7.88 -0.38 -30.30
C THR B 5 -7.01 0.52 -29.40
N VAL B 6 -7.02 0.19 -28.12
CA VAL B 6 -6.21 0.93 -27.12
C VAL B 6 -4.76 0.49 -27.18
N VAL B 7 -3.83 1.45 -27.29
CA VAL B 7 -2.42 1.12 -27.32
C VAL B 7 -1.91 1.10 -25.86
N VAL B 8 -1.46 -0.08 -25.42
CA VAL B 8 -0.93 -0.27 -24.07
C VAL B 8 0.58 -0.26 -24.12
N THR B 9 1.21 0.67 -23.42
CA THR B 9 2.65 0.65 -23.27
C THR B 9 3.02 -0.11 -22.01
N THR B 10 4.04 -0.96 -22.12
CA THR B 10 4.50 -1.74 -20.99
C THR B 10 5.99 -1.97 -21.16
N ILE B 11 6.60 -2.71 -20.24
CA ILE B 11 8.07 -2.81 -20.20
C ILE B 11 8.43 -4.29 -19.95
N LEU B 12 9.54 -4.72 -20.56
CA LEU B 12 10.00 -6.11 -20.41
CA LEU B 12 9.98 -6.11 -20.43
C LEU B 12 10.75 -6.30 -19.11
N GLU B 13 10.01 -6.53 -18.05
CA GLU B 13 10.54 -6.64 -16.69
C GLU B 13 9.89 -7.85 -16.08
N SER B 14 10.67 -8.79 -15.57
CA SER B 14 10.09 -10.06 -15.04
C SER B 14 9.57 -9.86 -13.61
N PRO B 15 8.46 -10.49 -13.20
CA PRO B 15 7.60 -11.35 -14.02
C PRO B 15 6.40 -10.59 -14.60
N TYR B 16 6.52 -9.27 -14.71
CA TYR B 16 5.38 -8.46 -15.19
C TYR B 16 5.07 -8.69 -16.66
N VAL B 17 6.10 -8.63 -17.50
CA VAL B 17 5.97 -8.95 -18.92
C VAL B 17 7.23 -9.67 -19.33
N MET B 18 7.05 -10.86 -19.87
CA MET B 18 8.15 -11.75 -20.30
C MET B 18 7.80 -12.29 -21.68
N MET B 19 8.82 -12.66 -22.46
CA MET B 19 8.57 -13.37 -23.72
C MET B 19 8.19 -14.79 -23.44
N LYS B 20 7.09 -15.24 -24.05
CA LYS B 20 6.71 -16.65 -23.94
C LYS B 20 7.73 -17.56 -24.58
N LYS B 21 7.81 -18.79 -24.07
CA LYS B 21 8.37 -19.89 -24.83
C LYS B 21 7.68 -19.91 -26.21
N ASN B 22 8.52 -19.99 -27.22
CA ASN B 22 8.06 -20.01 -28.60
C ASN B 22 7.47 -18.68 -29.10
N HIS B 23 7.84 -17.56 -28.46
CA HIS B 23 7.36 -16.23 -28.91
C HIS B 23 7.62 -15.97 -30.40
N GLU B 24 8.72 -16.50 -30.96
CA GLU B 24 9.04 -16.22 -32.38
C GLU B 24 7.96 -16.77 -33.32
N MET B 25 7.21 -17.76 -32.85
CA MET B 25 6.13 -18.41 -33.63
C MET B 25 4.78 -17.76 -33.39
N LEU B 26 4.75 -16.78 -32.49
CA LEU B 26 3.51 -16.16 -32.04
C LEU B 26 3.45 -14.72 -32.53
N GLU B 27 2.26 -14.14 -32.45
CA GLU B 27 2.04 -12.77 -32.91
C GLU B 27 1.19 -11.97 -31.95
N GLY B 28 1.33 -10.66 -32.03
CA GLY B 28 0.47 -9.76 -31.27
C GLY B 28 0.63 -9.98 -29.77
N ASN B 29 -0.48 -9.88 -29.05
CA ASN B 29 -0.46 -9.97 -27.60
C ASN B 29 -0.06 -11.36 -27.10
N GLU B 30 -0.22 -12.39 -27.95
CA GLU B 30 0.15 -13.77 -27.60
C GLU B 30 1.66 -14.00 -27.41
N ARG B 31 2.49 -13.03 -27.82
CA ARG B 31 3.93 -13.17 -27.65
C ARG B 31 4.36 -13.10 -26.19
N TYR B 32 3.53 -12.51 -25.33
CA TYR B 32 3.91 -12.08 -23.98
C TYR B 32 3.14 -12.85 -22.90
N GLU B 33 3.76 -12.97 -21.74
CA GLU B 33 3.09 -13.51 -20.54
C GLU B 33 3.59 -12.76 -19.31
N GLY B 34 2.81 -12.84 -18.24
CA GLY B 34 3.23 -12.32 -16.95
C GLY B 34 2.12 -11.63 -16.20
N TYR B 35 2.47 -11.11 -15.02
CA TYR B 35 1.52 -10.45 -14.14
C TYR B 35 0.79 -9.30 -14.85
N CYS B 36 1.54 -8.41 -15.54
CA CYS B 36 0.89 -7.28 -16.19
C CYS B 36 0.17 -7.68 -17.48
N VAL B 37 0.56 -8.78 -18.11
CA VAL B 37 -0.20 -9.31 -19.24
C VAL B 37 -1.58 -9.77 -18.74
N ASP B 38 -1.59 -10.51 -17.63
CA ASP B 38 -2.85 -10.96 -17.03
C ASP B 38 -3.65 -9.74 -16.54
N LEU B 39 -2.98 -8.78 -15.92
CA LEU B 39 -3.68 -7.59 -15.44
C LEU B 39 -4.31 -6.82 -16.59
N ALA B 40 -3.57 -6.64 -17.69
CA ALA B 40 -4.09 -5.89 -18.83
C ALA B 40 -5.33 -6.56 -19.39
N ALA B 41 -5.32 -7.88 -19.49
CA ALA B 41 -6.52 -8.58 -20.02
C ALA B 41 -7.75 -8.34 -19.15
N GLU B 42 -7.58 -8.34 -17.83
CA GLU B 42 -8.70 -8.10 -16.93
C GLU B 42 -9.13 -6.65 -16.97
N ILE B 43 -8.19 -5.70 -16.96
CA ILE B 43 -8.58 -4.29 -17.06
C ILE B 43 -9.37 -4.03 -18.34
N ALA B 44 -8.88 -4.56 -19.46
CA ALA B 44 -9.55 -4.39 -20.73
C ALA B 44 -10.97 -5.01 -20.72
N LYS B 45 -11.13 -6.17 -20.11
CA LYS B 45 -12.47 -6.77 -20.00
C LYS B 45 -13.41 -5.86 -19.21
N HIS B 46 -12.96 -5.38 -18.05
CA HIS B 46 -13.80 -4.60 -17.19
C HIS B 46 -14.13 -3.25 -17.79
N CYS B 47 -13.23 -2.70 -18.59
CA CYS B 47 -13.43 -1.39 -19.20
C CYS B 47 -14.01 -1.45 -20.59
N GLY B 48 -14.13 -2.64 -21.15
CA GLY B 48 -14.78 -2.80 -22.45
C GLY B 48 -13.96 -2.35 -23.65
N PHE B 49 -12.64 -2.52 -23.63
CA PHE B 49 -11.82 -2.17 -24.78
C PHE B 49 -11.01 -3.34 -25.32
N LYS B 50 -10.72 -3.29 -26.61
CA LYS B 50 -9.67 -4.17 -27.17
C LYS B 50 -8.36 -3.39 -27.18
N TYR B 51 -7.24 -4.10 -27.24
CA TYR B 51 -5.95 -3.45 -27.00
C TYR B 51 -4.82 -4.16 -27.68
N LYS B 52 -3.72 -3.42 -27.85
CA LYS B 52 -2.48 -3.93 -28.39
C LYS B 52 -1.36 -3.65 -27.37
N LEU B 53 -0.71 -4.69 -26.87
CA LEU B 53 0.47 -4.51 -26.02
C LEU B 53 1.66 -4.12 -26.86
N THR B 54 2.34 -3.07 -26.43
CA THR B 54 3.57 -2.59 -27.09
C THR B 54 4.62 -2.40 -26.01
N ILE B 55 5.86 -2.74 -26.30
CA ILE B 55 6.95 -2.57 -25.37
C ILE B 55 7.54 -1.19 -25.62
N VAL B 56 7.61 -0.43 -24.55
CA VAL B 56 8.13 0.93 -24.56
C VAL B 56 9.45 1.01 -25.35
N GLY B 57 9.48 1.96 -26.28
CA GLY B 57 10.56 2.06 -27.26
C GLY B 57 11.94 2.20 -26.66
N ASP B 58 12.05 2.96 -25.56
CA ASP B 58 13.35 3.18 -24.91
C ASP B 58 13.64 2.31 -23.68
N GLY B 59 12.73 1.40 -23.36
CA GLY B 59 12.91 0.51 -22.23
C GLY B 59 12.95 1.21 -20.87
N LYS B 60 12.37 2.41 -20.74
CA LYS B 60 12.40 3.19 -19.48
C LYS B 60 11.02 3.38 -18.88
N TYR B 61 11.04 3.68 -17.59
CA TYR B 61 9.79 3.95 -16.85
C TYR B 61 9.24 5.37 -17.10
N GLY B 62 10.04 6.39 -16.84
CA GLY B 62 9.63 7.77 -17.18
C GLY B 62 10.24 8.80 -16.25
N ALA B 63 11.04 9.69 -16.84
CA ALA B 63 11.65 10.82 -16.15
C ALA B 63 11.80 11.97 -17.16
N ARG B 64 11.79 13.20 -16.65
CA ARG B 64 11.91 14.39 -17.49
C ARG B 64 13.37 14.81 -17.56
N ASP B 65 13.91 14.89 -18.76
CA ASP B 65 15.30 15.34 -18.95
C ASP B 65 15.36 16.82 -18.59
N ALA B 66 16.30 17.17 -17.70
CA ALA B 66 16.40 18.54 -17.19
C ALA B 66 16.80 19.57 -18.27
N ASP B 67 17.50 19.10 -19.29
CA ASP B 67 17.99 19.97 -20.35
C ASP B 67 17.00 20.14 -21.50
N THR B 68 16.43 19.04 -22.00
CA THR B 68 15.53 19.11 -23.15
C THR B 68 14.10 19.35 -22.70
N LYS B 69 13.79 19.06 -21.43
CA LYS B 69 12.42 19.14 -20.88
C LYS B 69 11.47 18.08 -21.50
N ILE B 70 12.07 17.05 -22.07
CA ILE B 70 11.34 15.93 -22.67
C ILE B 70 11.28 14.74 -21.72
N TRP B 71 10.07 14.20 -21.55
CA TRP B 71 9.83 12.97 -20.82
C TRP B 71 10.26 11.73 -21.61
N ASN B 72 10.95 10.79 -20.98
CA ASN B 72 11.29 9.51 -21.63
C ASN B 72 10.37 8.43 -21.10
N GLY B 73 10.60 7.20 -21.57
CA GLY B 73 9.91 6.06 -20.99
C GLY B 73 8.43 5.98 -21.31
N MET B 74 7.73 5.16 -20.54
CA MET B 74 6.29 5.00 -20.68
C MET B 74 5.54 6.29 -20.40
N VAL B 75 6.01 7.08 -19.42
CA VAL B 75 5.38 8.40 -19.17
C VAL B 75 5.49 9.29 -20.42
N GLY B 76 6.66 9.34 -21.06
CA GLY B 76 6.80 10.03 -22.33
C GLY B 76 5.84 9.53 -23.41
N GLU B 77 5.68 8.22 -23.53
CA GLU B 77 4.75 7.71 -24.53
C GLU B 77 3.32 8.19 -24.29
N LEU B 78 2.92 8.32 -23.02
CA LEU B 78 1.59 8.84 -22.72
C LEU B 78 1.48 10.34 -22.99
N VAL B 79 2.45 11.12 -22.53
CA VAL B 79 2.30 12.58 -22.65
C VAL B 79 2.45 13.06 -24.10
N TYR B 80 3.12 12.30 -24.95
CA TYR B 80 3.27 12.65 -26.37
C TYR B 80 2.32 11.91 -27.29
N GLY B 81 1.39 11.13 -26.72
CA GLY B 81 0.32 10.54 -27.52
C GLY B 81 0.70 9.30 -28.30
N LYS B 82 1.80 8.65 -27.93
CA LYS B 82 2.24 7.39 -28.55
C LYS B 82 1.50 6.16 -28.01
N ALA B 83 1.00 6.25 -26.78
CA ALA B 83 0.22 5.17 -26.18
C ALA B 83 -0.92 5.77 -25.38
N ASP B 84 -1.94 4.98 -25.14
CA ASP B 84 -3.16 5.40 -24.47
C ASP B 84 -3.19 5.09 -22.98
N ILE B 85 -2.41 4.10 -22.55
CA ILE B 85 -2.40 3.63 -21.15
C ILE B 85 -1.10 2.88 -20.92
N ALA B 86 -0.57 2.97 -19.71
CA ALA B 86 0.62 2.20 -19.33
C ALA B 86 0.20 1.19 -18.27
N ILE B 87 0.50 -0.08 -18.50
CA ILE B 87 0.14 -1.15 -17.55
C ILE B 87 1.43 -1.89 -17.29
N ALA B 88 2.05 -1.55 -16.16
CA ALA B 88 3.45 -1.87 -15.89
C ALA B 88 3.68 -1.61 -14.42
N PRO B 89 4.84 -2.09 -13.87
CA PRO B 89 5.20 -1.76 -12.48
C PRO B 89 5.78 -0.34 -12.42
N LEU B 90 4.90 0.63 -12.67
CA LEU B 90 5.26 2.05 -12.78
C LEU B 90 4.99 2.72 -11.42
N THR B 91 6.04 3.16 -10.75
CA THR B 91 5.89 3.72 -9.40
C THR B 91 5.14 5.03 -9.41
N ILE B 92 4.19 5.16 -8.49
CA ILE B 92 3.42 6.39 -8.32
C ILE B 92 4.31 7.43 -7.63
N THR B 93 4.57 8.54 -8.32
CA THR B 93 5.42 9.60 -7.79
C THR B 93 4.78 10.95 -8.10
N LEU B 94 5.14 11.95 -7.31
CA LEU B 94 4.62 13.27 -7.47
C LEU B 94 4.90 13.85 -8.87
N VAL B 95 6.15 13.81 -9.34
CA VAL B 95 6.42 14.46 -10.62
C VAL B 95 5.70 13.76 -11.77
N ARG B 96 5.45 12.48 -11.66
CA ARG B 96 4.69 11.78 -12.70
C ARG B 96 3.19 12.14 -12.62
N GLU B 97 2.62 12.18 -11.39
CA GLU B 97 1.20 12.52 -11.21
CA GLU B 97 1.22 12.54 -11.17
C GLU B 97 0.89 13.96 -11.64
N GLU B 98 1.90 14.80 -11.73
CA GLU B 98 1.70 16.16 -12.26
C GLU B 98 1.40 16.16 -13.76
N VAL B 99 1.85 15.11 -14.47
CA VAL B 99 1.71 15.09 -15.96
C VAL B 99 0.83 13.97 -16.51
N ILE B 100 0.59 12.90 -15.74
CA ILE B 100 -0.36 11.84 -16.12
CA ILE B 100 -0.35 11.83 -16.12
C ILE B 100 -1.23 11.57 -14.89
N ASP B 101 -2.26 10.73 -15.05
CA ASP B 101 -3.07 10.28 -13.91
C ASP B 101 -2.77 8.83 -13.61
N PHE B 102 -2.52 8.55 -12.33
CA PHE B 102 -2.42 7.15 -11.88
C PHE B 102 -3.73 6.62 -11.33
N SER B 103 -4.02 5.37 -11.61
CA SER B 103 -5.03 4.64 -10.84
C SER B 103 -4.57 4.51 -9.39
N LYS B 104 -5.50 4.08 -8.53
CA LYS B 104 -5.08 3.56 -7.24
C LYS B 104 -4.02 2.46 -7.43
N PRO B 105 -3.13 2.27 -6.47
CA PRO B 105 -2.09 1.25 -6.68
C PRO B 105 -2.65 -0.15 -6.76
N PHE B 106 -2.04 -0.97 -7.60
CA PHE B 106 -2.37 -2.41 -7.69
C PHE B 106 -1.40 -3.27 -6.91
N MET B 107 -0.29 -2.71 -6.43
CA MET B 107 0.72 -3.48 -5.70
C MET B 107 1.52 -2.53 -4.83
N SER B 108 1.87 -2.99 -3.64
CA SER B 108 2.75 -2.23 -2.75
C SER B 108 4.21 -2.71 -2.88
N LEU B 109 5.14 -1.82 -2.54
CA LEU B 109 6.59 -2.14 -2.57
C LEU B 109 7.29 -1.20 -1.61
N GLY B 110 8.54 -1.53 -1.31
CA GLY B 110 9.39 -0.62 -0.58
C GLY B 110 10.83 -1.04 -0.75
N ILE B 111 11.75 -0.13 -0.43
CA ILE B 111 13.18 -0.44 -0.43
C ILE B 111 13.46 -1.59 0.52
N SER B 112 14.27 -2.55 0.07
CA SER B 112 14.58 -3.74 0.86
C SER B 112 16.03 -4.19 0.68
N ILE B 113 16.47 -5.09 1.54
CA ILE B 113 17.85 -5.56 1.52
C ILE B 113 17.92 -6.98 1.00
N MET B 114 18.78 -7.18 0.00
CA MET B 114 19.08 -8.53 -0.53
C MET B 114 20.45 -8.94 -0.06
N ILE B 115 20.53 -10.13 0.53
CA ILE B 115 21.81 -10.75 0.91
C ILE B 115 21.97 -12.08 0.22
N LYS B 116 23.23 -12.52 0.14
CA LYS B 116 23.54 -13.92 -0.13
C LYS B 116 23.22 -14.71 1.14
N LYS B 117 22.49 -15.81 0.99
CA LYS B 117 22.22 -16.67 2.15
C LYS B 117 23.53 -17.07 2.80
N GLY B 118 23.54 -16.95 4.12
CA GLY B 118 24.74 -17.13 4.90
C GLY B 118 25.28 -15.86 5.50
N THR B 119 25.03 -14.74 4.81
CA THR B 119 25.51 -13.45 5.28
C THR B 119 24.88 -13.11 6.64
N PRO B 120 25.68 -12.74 7.62
CA PRO B 120 25.12 -12.55 8.98
C PRO B 120 24.50 -11.17 9.16
N ILE B 121 23.45 -10.89 8.37
CA ILE B 121 22.76 -9.59 8.35
C ILE B 121 21.26 -9.87 8.27
N GLU B 122 20.49 -9.21 9.13
CA GLU B 122 19.04 -9.43 9.15
C GLU B 122 18.22 -8.15 8.99
N SER B 123 18.88 -7.00 8.88
CA SER B 123 18.18 -5.70 8.85
C SER B 123 19.10 -4.54 8.41
N ALA B 124 18.49 -3.39 8.13
CA ALA B 124 19.21 -2.14 7.82
C ALA B 124 20.06 -1.67 9.00
N GLU B 125 19.52 -1.74 10.22
CA GLU B 125 20.30 -1.43 11.41
C GLU B 125 21.55 -2.30 11.52
N ASP B 126 21.43 -3.61 11.21
CA ASP B 126 22.57 -4.53 11.19
C ASP B 126 23.64 -4.04 10.22
N LEU B 127 23.23 -3.66 9.00
CA LEU B 127 24.18 -3.11 8.02
C LEU B 127 24.90 -1.85 8.51
N SER B 128 24.10 -0.95 9.09
CA SER B 128 24.60 0.34 9.53
C SER B 128 25.62 0.25 10.67
N LYS B 129 25.62 -0.87 11.40
CA LYS B 129 26.46 -1.03 12.63
C LYS B 129 27.68 -1.93 12.45
N GLN B 130 27.97 -2.32 11.22
CA GLN B 130 29.12 -3.17 10.93
C GLN B 130 29.81 -2.69 9.67
N THR B 131 30.96 -3.28 9.35
CA THR B 131 31.74 -2.87 8.17
C THR B 131 32.29 -4.05 7.35
N GLU B 132 32.06 -5.29 7.79
CA GLU B 132 32.50 -6.48 7.02
C GLU B 132 31.74 -6.60 5.68
N ILE B 133 30.44 -6.33 5.74
CA ILE B 133 29.55 -6.48 4.58
C ILE B 133 29.37 -5.09 3.96
N ALA B 134 29.84 -4.93 2.71
CA ALA B 134 29.58 -3.73 1.91
C ALA B 134 28.13 -3.72 1.43
N TYR B 135 27.63 -2.56 1.05
CA TYR B 135 26.26 -2.48 0.54
C TYR B 135 26.05 -1.25 -0.35
N GLY B 136 25.17 -1.40 -1.33
CA GLY B 136 24.89 -0.32 -2.27
C GLY B 136 23.63 -0.53 -3.07
N THR B 137 23.47 0.23 -4.13
CA THR B 137 22.22 0.28 -4.89
C THR B 137 22.49 0.76 -6.32
N LEU B 138 21.43 0.88 -7.13
CA LEU B 138 21.58 1.48 -8.46
C LEU B 138 22.18 2.90 -8.35
N ASP B 139 23.11 3.19 -9.27
CA ASP B 139 23.84 4.48 -9.26
CA ASP B 139 23.84 4.47 -9.29
C ASP B 139 23.00 5.71 -9.62
N SER B 140 21.79 5.55 -10.17
N SER B 140 21.91 5.43 -10.33
CA SER B 140 21.03 6.78 -10.59
CA SER B 140 20.95 6.43 -10.65
C SER B 140 19.51 6.86 -10.42
C SER B 140 19.65 5.76 -10.37
N GLY B 141 18.97 6.27 -9.36
CA GLY B 141 17.55 5.98 -9.22
C GLY B 141 16.95 6.46 -7.92
N SER B 142 15.75 5.96 -7.64
CA SER B 142 15.02 6.41 -6.47
C SER B 142 15.56 5.89 -5.16
N THR B 143 16.18 4.72 -5.15
CA THR B 143 16.72 4.23 -3.88
C THR B 143 17.89 5.11 -3.41
N LYS B 144 18.79 5.44 -4.34
CA LYS B 144 19.89 6.36 -4.00
C LYS B 144 19.34 7.69 -3.47
N GLU B 145 18.34 8.23 -4.14
CA GLU B 145 17.78 9.51 -3.72
C GLU B 145 17.11 9.43 -2.35
N PHE B 146 16.45 8.30 -2.04
CA PHE B 146 15.86 8.10 -0.71
C PHE B 146 16.90 8.24 0.39
N PHE B 147 18.01 7.54 0.21
CA PHE B 147 19.12 7.64 1.16
C PHE B 147 19.74 9.02 1.23
N ARG B 148 19.93 9.66 0.07
CA ARG B 148 20.54 11.01 0.03
C ARG B 148 19.74 12.00 0.88
N ARG B 149 18.42 11.93 0.80
CA ARG B 149 17.53 12.89 1.44
C ARG B 149 17.11 12.55 2.87
N SER B 150 17.39 11.34 3.34
CA SER B 150 16.79 10.87 4.60
C SER B 150 17.33 11.57 5.83
N LYS B 151 16.41 11.88 6.74
CA LYS B 151 16.73 12.50 8.04
C LYS B 151 16.75 11.47 9.17
N ILE B 152 16.48 10.21 8.84
CA ILE B 152 16.46 9.10 9.80
C ILE B 152 17.89 8.67 10.07
N ALA B 153 18.25 8.55 11.35
CA ALA B 153 19.64 8.27 11.74
C ALA B 153 20.28 7.06 11.08
N VAL B 154 19.58 5.92 11.07
CA VAL B 154 20.11 4.69 10.46
C VAL B 154 20.38 4.92 8.97
N PHE B 155 19.43 5.54 8.27
CA PHE B 155 19.58 5.74 6.84
C PHE B 155 20.62 6.81 6.50
N ASP B 156 20.75 7.81 7.38
CA ASP B 156 21.79 8.82 7.26
C ASP B 156 23.18 8.20 7.39
N LYS B 157 23.34 7.30 8.36
CA LYS B 157 24.61 6.56 8.58
C LYS B 157 24.95 5.72 7.34
N MET B 158 23.93 5.07 6.79
CA MET B 158 24.11 4.23 5.61
C MET B 158 24.52 5.06 4.40
N TRP B 159 23.86 6.21 4.21
CA TRP B 159 24.18 7.12 3.10
C TRP B 159 25.62 7.66 3.21
N THR B 160 26.00 8.07 4.42
CA THR B 160 27.35 8.59 4.68
C THR B 160 28.42 7.55 4.30
N TYR B 161 28.19 6.29 4.67
CA TYR B 161 29.03 5.20 4.21
C TYR B 161 29.02 5.03 2.68
N MET B 162 27.82 4.86 2.10
CA MET B 162 27.71 4.54 0.67
C MET B 162 28.32 5.58 -0.24
N ARG B 163 28.09 6.86 0.07
CA ARG B 163 28.52 7.96 -0.81
C ARG B 163 30.04 8.06 -0.95
N SER B 164 30.74 7.60 0.09
CA SER B 164 32.19 7.72 0.22
C SER B 164 32.97 6.43 -0.02
N ALA B 165 32.27 5.30 -0.06
CA ALA B 165 32.90 3.98 -0.12
C ALA B 165 33.73 3.77 -1.39
N GLU B 166 34.89 3.13 -1.20
CA GLU B 166 35.85 2.79 -2.27
C GLU B 166 36.23 1.31 -2.15
N PRO B 167 36.16 0.54 -3.25
CA PRO B 167 35.60 0.98 -4.55
C PRO B 167 34.09 1.25 -4.48
N SER B 168 33.55 1.86 -5.54
CA SER B 168 32.12 2.25 -5.56
C SER B 168 31.20 1.10 -5.18
N VAL B 169 30.22 1.37 -4.33
CA VAL B 169 29.21 0.36 -3.99
C VAL B 169 27.99 0.47 -4.89
N PHE B 170 27.98 1.42 -5.80
CA PHE B 170 26.88 1.60 -6.74
C PHE B 170 27.07 0.78 -8.01
N VAL B 171 25.96 0.41 -8.64
CA VAL B 171 25.96 -0.43 -9.82
C VAL B 171 25.08 0.16 -10.92
N ARG B 172 25.37 -0.18 -12.17
CA ARG B 172 24.58 0.35 -13.30
C ARG B 172 23.28 -0.41 -13.51
N THR B 173 23.29 -1.70 -13.17
CA THR B 173 22.14 -2.57 -13.39
C THR B 173 21.91 -3.50 -12.20
N THR B 174 20.68 -4.01 -12.08
CA THR B 174 20.41 -5.06 -11.10
C THR B 174 21.15 -6.35 -11.44
N ALA B 175 21.34 -6.68 -12.72
CA ALA B 175 22.14 -7.86 -13.06
C ALA B 175 23.51 -7.74 -12.40
N GLU B 176 24.12 -6.57 -12.47
CA GLU B 176 25.42 -6.32 -11.88
C GLU B 176 25.36 -6.37 -10.34
N GLY B 177 24.33 -5.76 -9.75
CA GLY B 177 24.15 -5.77 -8.31
C GLY B 177 24.01 -7.17 -7.74
N VAL B 178 23.17 -7.98 -8.38
CA VAL B 178 22.93 -9.35 -7.89
C VAL B 178 24.17 -10.21 -8.14
N ALA B 179 24.89 -9.97 -9.23
CA ALA B 179 26.14 -10.68 -9.46
C ALA B 179 27.16 -10.39 -8.32
N ARG B 180 27.19 -9.14 -7.83
CA ARG B 180 28.09 -8.75 -6.76
C ARG B 180 27.66 -9.41 -5.43
N VAL B 181 26.35 -9.54 -5.18
CA VAL B 181 25.83 -10.28 -4.01
C VAL B 181 26.30 -11.73 -4.07
N ARG B 182 26.19 -12.33 -5.26
CA ARG B 182 26.46 -13.75 -5.48
C ARG B 182 27.92 -14.13 -5.62
N LYS B 183 28.80 -13.16 -5.87
CA LYS B 183 30.22 -13.46 -6.05
C LYS B 183 30.76 -14.26 -4.84
N SER B 184 31.58 -15.28 -5.10
CA SER B 184 32.16 -16.09 -4.04
C SER B 184 32.83 -15.20 -3.00
N LYS B 185 32.39 -15.29 -1.74
CA LYS B 185 32.91 -14.46 -0.63
C LYS B 185 32.84 -12.96 -0.90
N GLY B 186 31.81 -12.57 -1.67
CA GLY B 186 31.65 -11.20 -2.15
C GLY B 186 31.35 -10.17 -1.08
N LYS B 187 30.75 -10.63 0.03
CA LYS B 187 30.44 -9.79 1.21
C LYS B 187 29.81 -8.45 0.76
N TYR B 188 28.73 -8.54 -0.01
CA TYR B 188 28.02 -7.36 -0.52
C TYR B 188 26.50 -7.61 -0.40
N ALA B 189 25.78 -6.61 0.11
CA ALA B 189 24.32 -6.62 0.12
C ALA B 189 23.80 -5.52 -0.82
N TYR B 190 22.66 -5.81 -1.46
CA TYR B 190 22.12 -4.95 -2.52
C TYR B 190 20.76 -4.41 -2.08
N LEU B 191 20.56 -3.10 -2.22
CA LEU B 191 19.30 -2.44 -1.85
C LEU B 191 18.44 -2.26 -3.07
N LEU B 192 17.22 -2.76 -3.04
CA LEU B 192 16.34 -2.70 -4.24
C LEU B 192 14.89 -2.89 -3.84
N GLU B 193 13.98 -2.61 -4.76
CA GLU B 193 12.54 -2.78 -4.56
C GLU B 193 12.25 -4.19 -4.03
N SER B 194 11.39 -4.25 -3.01
CA SER B 194 10.99 -5.51 -2.36
C SER B 194 10.41 -6.49 -3.35
N THR B 195 9.62 -6.01 -4.29
CA THR B 195 8.97 -6.91 -5.27
C THR B 195 10.00 -7.67 -6.09
N MET B 196 11.07 -7.00 -6.50
CA MET B 196 12.10 -7.67 -7.29
C MET B 196 12.99 -8.53 -6.40
N ASN B 197 13.25 -8.07 -5.17
CA ASN B 197 14.07 -8.86 -4.22
C ASN B 197 13.34 -10.19 -3.93
N GLU B 198 12.03 -10.10 -3.68
CA GLU B 198 11.21 -11.29 -3.46
C GLU B 198 11.15 -12.20 -4.67
N TYR B 199 11.11 -11.61 -5.86
CA TYR B 199 11.09 -12.40 -7.06
C TYR B 199 12.38 -13.21 -7.22
N ILE B 200 13.53 -12.54 -7.07
CA ILE B 200 14.82 -13.20 -7.27
C ILE B 200 15.08 -14.30 -6.24
N GLU B 201 14.53 -14.11 -5.03
CA GLU B 201 14.54 -15.13 -3.95
C GLU B 201 13.87 -16.44 -4.38
N GLN B 202 12.96 -16.36 -5.36
CA GLN B 202 12.24 -17.57 -5.87
C GLN B 202 12.78 -18.12 -7.16
N ARG B 203 13.95 -17.67 -7.56
CA ARG B 203 14.55 -18.18 -8.80
C ARG B 203 15.84 -18.92 -8.49
N LYS B 204 16.06 -20.00 -9.25
CA LYS B 204 17.36 -20.72 -9.24
C LYS B 204 18.45 -19.67 -9.47
N PRO B 205 19.60 -19.74 -8.76
CA PRO B 205 20.06 -20.84 -7.89
C PRO B 205 19.63 -20.78 -6.40
N CYS B 206 18.64 -19.93 -6.09
CA CYS B 206 18.01 -19.96 -4.75
C CYS B 206 19.02 -19.66 -3.64
N ASP B 207 19.89 -18.70 -3.89
CA ASP B 207 20.99 -18.39 -2.99
C ASP B 207 20.91 -16.99 -2.38
N THR B 208 19.82 -16.27 -2.66
CA THR B 208 19.62 -14.92 -2.12
C THR B 208 18.38 -14.89 -1.26
N MET B 209 18.32 -13.90 -0.37
CA MET B 209 17.09 -13.68 0.38
C MET B 209 16.87 -12.23 0.71
N LYS B 210 15.59 -11.87 0.84
CA LYS B 210 15.19 -10.57 1.38
C LYS B 210 15.20 -10.64 2.89
N VAL B 211 15.84 -9.69 3.54
CA VAL B 211 15.89 -9.65 5.00
C VAL B 211 15.41 -8.31 5.51
N GLY B 212 14.80 -8.36 6.69
CA GLY B 212 14.26 -7.20 7.36
C GLY B 212 12.99 -6.64 6.74
N GLY B 213 12.45 -5.61 7.40
CA GLY B 213 11.32 -4.84 6.90
C GLY B 213 11.72 -3.89 5.77
N ASN B 214 10.72 -3.42 5.04
CA ASN B 214 10.92 -2.43 4.00
C ASN B 214 11.28 -1.09 4.64
N LEU B 215 12.06 -0.30 3.94
CA LEU B 215 12.54 0.97 4.47
C LEU B 215 11.64 2.15 4.12
N ASP B 216 10.80 1.98 3.11
CA ASP B 216 9.79 2.98 2.73
C ASP B 216 8.57 2.24 2.16
N SER B 217 7.57 3.00 1.76
CA SER B 217 6.32 2.44 1.23
C SER B 217 5.90 3.20 -0.01
N LYS B 218 5.78 2.49 -1.11
CA LYS B 218 5.37 3.03 -2.40
C LYS B 218 4.37 2.07 -3.02
N GLY B 219 3.83 2.50 -4.16
CA GLY B 219 2.88 1.67 -4.92
C GLY B 219 3.12 1.76 -6.42
N TYR B 220 2.78 0.70 -7.16
CA TYR B 220 2.71 0.74 -8.60
C TYR B 220 1.28 1.02 -9.04
N GLY B 221 1.10 1.85 -10.07
CA GLY B 221 -0.21 2.20 -10.58
C GLY B 221 -0.27 2.12 -12.08
N ILE B 222 -1.49 2.02 -12.61
CA ILE B 222 -1.75 2.14 -14.06
C ILE B 222 -1.84 3.61 -14.42
N ALA B 223 -1.25 4.07 -15.52
CA ALA B 223 -1.22 5.48 -15.88
C ALA B 223 -1.98 5.75 -17.18
N THR B 224 -2.71 6.86 -17.17
CA THR B 224 -3.41 7.36 -18.37
C THR B 224 -3.10 8.83 -18.56
N PRO B 225 -3.19 9.33 -19.80
CA PRO B 225 -2.94 10.76 -20.05
C PRO B 225 -4.03 11.65 -19.48
N LYS B 226 -3.73 12.91 -19.13
CA LYS B 226 -4.74 13.83 -18.63
C LYS B 226 -5.92 13.95 -19.61
N GLY B 227 -7.11 13.95 -19.04
CA GLY B 227 -8.36 14.00 -19.80
C GLY B 227 -8.76 12.72 -20.51
N SER B 228 -8.06 11.60 -20.26
CA SER B 228 -8.40 10.32 -20.90
C SER B 228 -9.81 9.89 -20.54
N SER B 229 -10.57 9.41 -21.53
CA SER B 229 -11.89 8.85 -21.27
C SER B 229 -11.83 7.54 -20.48
N LEU B 230 -10.64 6.94 -20.36
CA LEU B 230 -10.49 5.69 -19.64
C LEU B 230 -10.28 5.86 -18.14
N ARG B 231 -9.95 7.06 -17.68
CA ARG B 231 -9.43 7.23 -16.33
C ARG B 231 -10.30 6.61 -15.25
N ASN B 232 -11.59 6.98 -15.27
CA ASN B 232 -12.46 6.55 -14.20
C ASN B 232 -12.68 5.03 -14.21
N ALA B 233 -12.94 4.45 -15.39
CA ALA B 233 -13.21 3.03 -15.48
C ALA B 233 -11.98 2.22 -15.08
N VAL B 234 -10.79 2.67 -15.46
CA VAL B 234 -9.56 1.96 -15.10
C VAL B 234 -9.36 1.96 -13.60
N ASN B 235 -9.60 3.09 -12.97
CA ASN B 235 -9.45 3.25 -11.53
C ASN B 235 -10.41 2.31 -10.78
N LEU B 236 -11.68 2.31 -11.19
CA LEU B 236 -12.65 1.42 -10.55
C LEU B 236 -12.32 -0.05 -10.78
N ALA B 237 -11.81 -0.39 -11.97
CA ALA B 237 -11.40 -1.76 -12.27
C ALA B 237 -10.28 -2.25 -11.33
N VAL B 238 -9.28 -1.42 -11.07
CA VAL B 238 -8.22 -1.80 -10.14
C VAL B 238 -8.82 -2.13 -8.76
N LEU B 239 -9.77 -1.31 -8.30
CA LEU B 239 -10.39 -1.59 -7.02
C LEU B 239 -11.22 -2.87 -7.04
N LYS B 240 -11.96 -3.08 -8.11
CA LYS B 240 -12.77 -4.29 -8.26
C LYS B 240 -11.87 -5.52 -8.23
N LEU B 241 -10.76 -5.51 -8.98
CA LEU B 241 -9.88 -6.66 -9.03
C LEU B 241 -9.27 -6.94 -7.65
N ASN B 242 -8.96 -5.88 -6.89
CA ASN B 242 -8.46 -6.07 -5.54
C ASN B 242 -9.51 -6.72 -4.64
N GLU B 243 -10.72 -6.19 -4.69
CA GLU B 243 -11.81 -6.69 -3.84
C GLU B 243 -12.23 -8.11 -4.19
N GLN B 244 -12.05 -8.51 -5.43
CA GLN B 244 -12.36 -9.89 -5.86
C GLN B 244 -11.27 -10.85 -5.46
N GLY B 245 -10.14 -10.36 -4.98
CA GLY B 245 -9.03 -11.24 -4.63
C GLY B 245 -8.11 -11.53 -5.82
N LEU B 246 -8.35 -10.92 -6.98
CA LEU B 246 -7.59 -11.29 -8.19
C LEU B 246 -6.14 -10.79 -8.14
N LEU B 247 -5.92 -9.58 -7.60
CA LEU B 247 -4.54 -9.10 -7.49
C LEU B 247 -3.67 -10.03 -6.63
N ASP B 248 -4.21 -10.49 -5.52
CA ASP B 248 -3.45 -11.41 -4.65
C ASP B 248 -3.20 -12.75 -5.35
N LYS B 249 -4.20 -13.24 -6.06
CA LYS B 249 -4.05 -14.45 -6.85
C LYS B 249 -2.94 -14.31 -7.90
N LEU B 250 -2.89 -13.19 -8.60
CA LEU B 250 -1.85 -12.98 -9.62
C LEU B 250 -0.46 -12.86 -9.03
N LYS B 251 -0.32 -12.20 -7.87
CA LYS B 251 1.00 -12.15 -7.24
C LYS B 251 1.46 -13.56 -6.87
N ASN B 252 0.55 -14.32 -6.24
CA ASN B 252 0.90 -15.68 -5.87
C ASN B 252 1.27 -16.52 -7.08
N LYS B 253 0.52 -16.39 -8.18
CA LYS B 253 0.82 -17.11 -9.41
C LYS B 253 2.24 -16.86 -9.89
N TRP B 254 2.59 -15.59 -10.09
CA TRP B 254 3.83 -15.27 -10.79
C TRP B 254 5.08 -15.36 -9.90
N TRP B 255 4.91 -15.14 -8.60
CA TRP B 255 6.05 -15.19 -7.66
C TRP B 255 6.24 -16.59 -7.07
N TYR B 256 5.14 -17.27 -6.74
CA TYR B 256 5.20 -18.53 -5.96
C TYR B 256 4.83 -19.78 -6.70
N ASP B 257 3.68 -19.79 -7.39
CA ASP B 257 3.29 -21.01 -8.15
C ASP B 257 4.36 -21.32 -9.19
N LYS B 258 4.95 -20.28 -9.76
CA LYS B 258 5.97 -20.42 -10.80
C LYS B 258 7.38 -20.29 -10.24
N GLY B 259 7.46 -20.27 -8.92
CA GLY B 259 8.72 -20.14 -8.20
C GLY B 259 9.50 -21.45 -8.26
N GLU B 260 10.80 -21.36 -8.03
CA GLU B 260 11.74 -22.48 -8.24
C GLU B 260 12.46 -22.90 -6.97
N CYS B 261 12.15 -22.26 -5.85
CA CYS B 261 12.94 -22.45 -4.64
C CYS B 261 12.19 -23.17 -3.49
N GLY B 262 10.98 -23.64 -3.77
CA GLY B 262 10.20 -24.49 -2.84
C GLY B 262 9.33 -23.70 -1.87
OAA ZK1 C . -13.46 3.33 6.17
OAB ZK1 C . -15.41 1.63 6.89
OAC ZK1 C . -16.29 -2.44 8.69
OAD ZK1 C . -13.99 -2.14 9.64
OAE ZK1 C . -14.37 -1.50 7.20
FAF ZK1 C . -8.83 2.82 11.50
FAG ZK1 C . -8.91 0.80 12.13
FAH ZK1 C . -9.89 2.32 13.30
CAI ZK1 C . -13.03 0.60 10.89
CAJ ZK1 C . -11.00 2.39 10.03
CAK ZK1 C . -11.55 -1.88 14.09
CAL ZK1 C . -12.06 0.12 15.34
CAM ZK1 C . -12.17 -1.27 12.86
CAN ZK1 C . -12.49 0.80 14.03
CAO ZK1 C . -15.37 0.14 9.22
NAP ZK1 C . -12.25 2.85 8.04
OAQ ZK1 C . -12.22 -1.29 15.22
CAR ZK1 C . -11.91 0.80 11.69
CAS ZK1 C . -10.86 1.73 11.25
CAT ZK1 C . -13.33 2.68 7.25
CAU ZK1 C . -14.42 1.75 7.64
CAV ZK1 C . -12.13 2.20 9.23
CAW ZK1 C . -13.18 1.26 9.67
NAX ZK1 C . -11.74 0.14 12.93
NAY ZK1 C . -14.29 1.08 8.85
CAZ ZK1 C . -9.61 1.93 12.06
PBA ZK1 C . -14.98 -1.57 8.66
C4 9C0 D . 0.68 1.53 -1.21
C4 9C0 D . -2.11 0.12 -0.44
C5 9C0 D . -1.32 0.24 -1.28
C5 9C0 D . -0.30 1.68 -0.58
C6 9C0 D . 0.29 2.14 -0.03
C6 9C0 D . -1.61 -0.59 -1.50
C7 9C0 D . -2.44 -2.96 -2.97
C7 9C0 D . 1.33 4.16 1.73
C8 9C0 D . -1.66 -1.96 -2.30
C8 9C0 D . 0.67 3.01 1.21
C10 9C0 D . -2.16 -0.76 -1.95
C10 9C0 D . 0.39 2.86 -0.09
C13 9C0 D . -6.02 0.05 -3.67
C13 9C0 D . 1.05 6.43 -2.35
C15 9C0 D . 1.64 2.50 1.97
C15 9C0 D . -1.45 -3.00 -1.62
C17 9C0 D . 1.16 3.15 0.69
C17 9C0 D . -2.32 -1.82 -1.99
C1 9C0 D . -1.75 0.82 -0.09
C1 9C0 D . 0.21 0.97 -1.65
C2 9C0 D . -0.11 0.60 -1.84
C2 9C0 D . -1.46 1.25 0.03
C3 9C0 D . -0.94 1.76 0.52
C3 9C0 D . -0.45 -0.15 -2.09
C9 9C0 D . -3.73 -2.70 -3.23
C9 9C0 D . 1.72 5.11 0.89
C11 9C0 D . -3.57 -0.49 -2.32
C11 9C0 D . 0.77 3.97 -0.97
C12 9C0 D . -5.75 -1.33 -3.09
C12 9C0 D . 2.08 5.99 -1.35
C14 9C0 D . 2.40 3.55 -0.12
C14 9C0 D . -3.67 -1.94 -1.35
C16 9C0 D . 0.41 4.39 1.08
C16 9C0 D . -2.48 -1.83 -3.49
N18 9C0 D . -3.98 0.71 -2.10
N18 9C0 D . 0.37 3.86 -2.20
N19 9C0 D . -4.32 -1.51 -2.88
N19 9C0 D . 1.51 5.01 -0.46
O20 9C0 D . -6.29 1.13 -1.24
O20 9C0 D . 1.87 4.66 -4.08
O21 9C0 D . -5.42 2.50 -3.10
O21 9C0 D . -0.54 5.30 -4.04
S22 9C0 D . -5.49 1.21 -2.44
S22 9C0 D . 0.68 4.99 -3.32
ZN ZN E . 4.86 19.78 4.05
ZN ZN F . -13.25 15.06 28.12
C1 GOL G . -19.14 2.15 8.84
O1 GOL G . -18.95 3.11 9.90
C2 GOL G . -20.53 2.25 8.22
O2 GOL G . -20.66 3.55 7.62
C3 GOL G . -21.61 2.05 9.28
O3 GOL G . -22.92 2.03 8.68
OAA ZK1 H . 8.55 3.33 -12.09
OAB ZK1 H . 11.11 4.37 -11.99
OAC ZK1 H . 14.21 1.84 -9.08
OAD ZK1 H . 15.01 4.11 -9.76
OAE ZK1 H . 12.55 3.78 -8.91
FAF ZK1 H . 9.57 -3.55 -10.95
FAG ZK1 H . 11.18 -3.67 -9.53
FAH ZK1 H . 11.53 -4.12 -11.60
CAI ZK1 H . 12.76 -0.02 -11.13
CAJ ZK1 H . 10.11 -0.96 -11.27
CAK ZK1 H . 15.43 -3.06 -9.36
CAL ZK1 H . 15.14 -3.96 -11.59
CAM ZK1 H . 14.58 -1.85 -9.77
CAN ZK1 H . 14.28 -2.77 -11.98
CAO ZK1 H . 13.35 2.82 -11.45
NAP ZK1 H . 9.32 1.26 -11.67
OAQ ZK1 H . 16.05 -3.57 -10.55
CAR ZK1 H . 12.53 -1.38 -10.97
CAS ZK1 H . 11.16 -1.86 -11.04
CAT ZK1 H . 9.52 2.58 -11.85
CAU ZK1 H . 10.90 3.13 -11.78
CAV ZK1 H . 10.34 0.41 -11.43
CAW ZK1 H . 11.73 0.89 -11.37
NAX ZK1 H . 13.57 -2.32 -10.74
NAY ZK1 H . 11.97 2.26 -11.55
CAZ ZK1 H . 10.86 -3.33 -10.79
PBA ZK1 H . 13.78 3.14 -9.70
ZN ZN I . 1.34 -14.81 -39.03
ZN ZN J . 13.48 -15.94 -27.07
ZN ZN K . 19.81 15.37 -21.13
C ACT L . 20.59 16.73 -23.50
O ACT L . 19.78 15.89 -23.05
OXT ACT L . 21.47 17.22 -22.79
CH3 ACT L . 20.52 17.17 -24.94
C ACT M . 5.97 18.03 -21.75
O ACT M . 7.05 17.71 -22.30
OXT ACT M . 5.89 19.07 -21.05
CH3 ACT M . 4.73 17.20 -21.95
C ACT N . 13.64 -18.38 -28.68
O ACT N . 12.66 -18.81 -28.03
OXT ACT N . 13.99 -17.20 -28.55
CH3 ACT N . 14.38 -19.30 -29.60
C1 GOL O . 13.49 5.06 -15.31
O1 GOL O . 13.61 3.97 -16.22
C2 GOL O . 13.79 6.45 -15.88
O2 GOL O . 12.78 6.86 -16.80
C3 GOL O . 15.16 6.54 -16.56
O3 GOL O . 15.38 7.90 -16.95
#